data_4M5O
#
_entry.id   4M5O
#
_cell.length_a   88.834
_cell.length_b   101.293
_cell.length_c   66.154
_cell.angle_alpha   90.00
_cell.angle_beta   90.00
_cell.angle_gamma   90.00
#
_symmetry.space_group_name_H-M   'C 2 2 21'
#
loop_
_entity.id
_entity.type
_entity.pdbx_description
1 polymer 'Polymerase PA'
2 non-polymer 'MANGANESE (II) ION'
3 non-polymer 'SULFATE ION'
4 non-polymer 1,2-ETHANEDIOL
5 non-polymer 3-hydroxy-6-phenylpyridin-2(5H)-one
6 water water
#
_entity_poly.entity_id   1
_entity_poly.type   'polypeptide(L)'
_entity_poly.pdbx_seq_one_letter_code
;MAHHHHHHSRAWRHPQFGGHHHHHHALEVLFQGPLGSMEDFVRQCFNPMIVELAEKAMKEYGEDPKIETNKFAAICTHLE
VCFMYSDFHFIDERGESIIVESGDPNALLKHRFEIIEGRDRIMAWTVVNSICNTTGVEKPKFLPDLYDYKENRFIEIGVT
RREVHIYYLEKANKIKSEKTHIHIFSFTGEEMATKADYTLDEESRARIKTRLFTIRQEMASRSLWDSFRQSERGEETVEE
R
;
_entity_poly.pdbx_strand_id   A
#
loop_
_chem_comp.id
_chem_comp.type
_chem_comp.name
_chem_comp.formula
EDO non-polymer 1,2-ETHANEDIOL 'C2 H6 O2'
MN non-polymer 'MANGANESE (II) ION' 'Mn 2'
SO4 non-polymer 'SULFATE ION' 'O4 S -2'
X48 non-polymer 3-hydroxy-6-phenylpyridin-2(5H)-one 'C11 H9 N O2'
#
# COMPACT_ATOMS: atom_id res chain seq x y z
N GLY A 33 3.60 29.35 8.92
CA GLY A 33 4.01 29.60 7.55
C GLY A 33 2.80 29.66 6.62
N PRO A 34 3.05 29.93 5.34
CA PRO A 34 1.96 29.99 4.35
C PRO A 34 1.33 28.63 4.13
N LEU A 35 0.01 28.60 3.94
CA LEU A 35 -0.69 27.35 3.63
C LEU A 35 -0.54 27.00 2.15
N GLY A 36 0.09 25.87 1.88
CA GLY A 36 0.21 25.38 0.51
C GLY A 36 -1.05 24.68 0.04
N SER A 37 -1.06 24.25 -1.21
CA SER A 37 -2.16 23.40 -1.65
C SER A 37 -1.74 21.94 -1.62
N MET A 38 -2.68 21.09 -1.26
CA MET A 38 -2.42 19.67 -1.24
C MET A 38 -2.08 19.14 -2.63
N GLU A 39 -2.73 19.71 -3.64
CA GLU A 39 -2.47 19.41 -5.06
C GLU A 39 -0.99 19.57 -5.41
N ASP A 40 -0.42 20.74 -5.09
CA ASP A 40 1.00 21.00 -5.32
C ASP A 40 1.88 19.99 -4.59
N PHE A 41 1.54 19.72 -3.34
CA PHE A 41 2.27 18.75 -2.55
C PHE A 41 2.31 17.37 -3.22
N VAL A 42 1.15 16.88 -3.61
CA VAL A 42 1.05 15.56 -4.19
C VAL A 42 1.87 15.45 -5.47
N ARG A 43 1.76 16.45 -6.33
CA ARG A 43 2.46 16.44 -7.61
C ARG A 43 3.97 16.55 -7.43
N GLN A 44 4.40 17.20 -6.36
CA GLN A 44 5.83 17.41 -6.13
C GLN A 44 6.53 16.31 -5.34
N CYS A 45 5.78 15.56 -4.53
CA CYS A 45 6.38 14.63 -3.58
C CYS A 45 6.15 13.17 -3.93
N PHE A 46 5.27 12.91 -4.89
CA PHE A 46 5.04 11.54 -5.34
C PHE A 46 5.50 11.34 -6.77
N ASN A 47 6.01 10.15 -7.05
CA ASN A 47 6.40 9.76 -8.40
C ASN A 47 5.20 9.94 -9.34
N PRO A 48 5.44 10.43 -10.55
CA PRO A 48 4.32 10.68 -11.48
C PRO A 48 3.53 9.41 -11.82
N MET A 49 4.19 8.26 -11.80
CA MET A 49 3.50 6.98 -12.02
C MET A 49 2.45 6.75 -10.96
N ILE A 50 2.83 7.01 -9.72
CA ILE A 50 1.92 6.84 -8.61
C ILE A 50 0.78 7.85 -8.70
N VAL A 51 1.11 9.11 -8.98
CA VAL A 51 0.10 10.15 -9.05
C VAL A 51 -0.91 9.81 -10.15
N GLU A 52 -0.40 9.37 -11.30
CA GLU A 52 -1.26 9.02 -12.41
C GLU A 52 -2.19 7.86 -12.08
N LEU A 53 -1.65 6.82 -11.44
CA LEU A 53 -2.49 5.69 -11.07
C LEU A 53 -3.57 6.11 -10.08
N ALA A 54 -3.21 6.96 -9.14
CA ALA A 54 -4.16 7.45 -8.15
C ALA A 54 -5.29 8.27 -8.80
N GLU A 55 -4.96 9.16 -9.74
CA GLU A 55 -5.99 9.93 -10.45
C GLU A 55 -6.95 9.03 -11.22
N LYS A 56 -6.42 8.04 -11.90
CA LYS A 56 -7.27 7.14 -12.67
C LYS A 56 -8.20 6.36 -11.74
N ALA A 57 -7.68 5.93 -10.59
CA ALA A 57 -8.50 5.24 -9.60
C ALA A 57 -9.61 6.14 -9.04
N MET A 58 -9.29 7.37 -8.65
CA MET A 58 -10.32 8.26 -8.13
C MET A 58 -11.38 8.55 -9.20
N LYS A 59 -10.94 8.82 -10.43
CA LYS A 59 -11.87 9.05 -11.54
C LYS A 59 -12.83 7.89 -11.71
N GLU A 60 -12.28 6.69 -11.61
CA GLU A 60 -13.07 5.50 -11.80
C GLU A 60 -14.18 5.39 -10.74
N TYR A 61 -13.95 5.88 -9.53
CA TYR A 61 -14.98 5.72 -8.51
C TYR A 61 -15.72 7.03 -8.32
N GLY A 62 -15.57 7.92 -9.29
CA GLY A 62 -16.36 9.13 -9.35
C GLY A 62 -15.97 10.19 -8.33
N GLU A 63 -14.71 10.24 -7.96
CA GLU A 63 -14.28 11.30 -7.03
C GLU A 63 -13.25 12.13 -7.78
N ASP A 64 -13.23 13.44 -7.52
CA ASP A 64 -12.37 14.34 -8.29
C ASP A 64 -11.14 14.67 -7.44
N PRO A 65 -9.94 14.39 -7.96
CA PRO A 65 -8.71 14.67 -7.20
C PRO A 65 -8.49 16.15 -6.96
N LYS A 66 -9.14 17.02 -7.72
CA LYS A 66 -8.94 18.44 -7.51
C LYS A 66 -9.86 18.98 -6.44
N ILE A 67 -10.82 18.16 -6.02
CA ILE A 67 -11.71 18.54 -4.93
C ILE A 67 -11.43 17.70 -3.69
N GLU A 68 -11.33 16.38 -3.86
CA GLU A 68 -11.05 15.52 -2.73
C GLU A 68 -9.54 15.38 -2.60
N THR A 69 -8.89 16.49 -2.27
CA THR A 69 -7.44 16.56 -2.35
C THR A 69 -6.74 15.82 -1.21
N ASN A 70 -7.34 15.82 -0.02
CA ASN A 70 -6.76 15.07 1.09
C ASN A 70 -6.88 13.58 0.75
N LYS A 71 -8.02 13.19 0.19
CA LYS A 71 -8.21 11.80 -0.22
C LYS A 71 -7.20 11.42 -1.29
N PHE A 72 -6.94 12.35 -2.20
CA PHE A 72 -5.97 12.20 -3.26
C PHE A 72 -4.60 11.86 -2.65
N ALA A 73 -4.17 12.64 -1.66
CA ALA A 73 -2.88 12.40 -0.99
C ALA A 73 -2.89 11.07 -0.22
N ALA A 74 -4.02 10.71 0.36
CA ALA A 74 -4.12 9.45 1.08
C ALA A 74 -3.99 8.27 0.11
N ILE A 75 -4.63 8.37 -1.04
CA ILE A 75 -4.56 7.35 -2.07
C ILE A 75 -3.16 7.20 -2.66
N CYS A 76 -2.49 8.33 -2.96
CA CYS A 76 -1.08 8.27 -3.38
C CYS A 76 -0.21 7.59 -2.30
N THR A 77 -0.41 7.98 -1.04
CA THR A 77 0.35 7.41 0.07
C THR A 77 0.15 5.89 0.19
N HIS A 78 -1.11 5.44 0.12
CA HIS A 78 -1.43 4.02 0.21
C HIS A 78 -0.79 3.24 -0.94
N LEU A 79 -0.90 3.77 -2.15
CA LEU A 79 -0.28 3.16 -3.33
C LEU A 79 1.22 3.04 -3.14
N GLU A 80 1.84 4.13 -2.70
CA GLU A 80 3.28 4.11 -2.53
C GLU A 80 3.69 3.04 -1.49
N VAL A 81 2.91 2.90 -0.41
CA VAL A 81 3.20 1.88 0.59
C VAL A 81 3.08 0.47 -0.02
N CYS A 82 2.08 0.25 -0.87
CA CYS A 82 1.93 -1.04 -1.53
C CYS A 82 3.18 -1.36 -2.37
N PHE A 83 3.68 -0.38 -3.12
CA PHE A 83 4.88 -0.60 -3.90
C PHE A 83 6.10 -0.82 -3.05
N MET A 84 6.24 0.00 -2.01
CA MET A 84 7.40 -0.14 -1.12
C MET A 84 7.39 -1.48 -0.41
N TYR A 85 6.20 -2.00 -0.14
CA TYR A 85 6.05 -3.27 0.57
C TYR A 85 6.64 -4.41 -0.29
N SER A 86 6.47 -4.32 -1.61
CA SER A 86 6.99 -5.36 -2.49
C SER A 86 8.42 -5.10 -2.97
N ASP A 87 8.85 -3.83 -2.97
CA ASP A 87 10.20 -3.49 -3.45
C ASP A 87 11.27 -4.37 -2.83
N PHE A 88 12.14 -4.89 -3.69
CA PHE A 88 13.39 -5.55 -3.34
C PHE A 88 13.20 -6.99 -2.89
N HIS A 89 11.95 -7.47 -2.83
CA HIS A 89 11.72 -8.82 -2.30
C HIS A 89 11.55 -9.82 -3.42
N PHE A 90 12.37 -10.85 -3.40
CA PHE A 90 12.39 -11.83 -4.48
C PHE A 90 12.36 -13.23 -3.93
N ILE A 91 12.03 -14.16 -4.81
CA ILE A 91 12.20 -15.56 -4.53
C ILE A 91 13.34 -16.07 -5.40
N ASP A 92 14.33 -16.69 -4.76
CA ASP A 92 15.58 -17.05 -5.43
C ASP A 92 15.50 -18.36 -6.21
N GLU A 93 16.65 -18.83 -6.69
CA GLU A 93 16.72 -20.04 -7.50
C GLU A 93 16.37 -21.27 -6.68
N ARG A 94 16.53 -21.18 -5.37
CA ARG A 94 16.23 -22.29 -4.48
C ARG A 94 14.81 -22.20 -3.96
N GLY A 95 14.15 -21.07 -4.21
CA GLY A 95 12.78 -20.89 -3.77
C GLY A 95 12.68 -20.18 -2.43
N GLU A 96 13.80 -19.65 -1.95
CA GLU A 96 13.83 -19.03 -0.63
C GLU A 96 13.61 -17.53 -0.82
N SER A 97 13.00 -16.85 0.15
CA SER A 97 12.78 -15.40 -0.01
C SER A 97 14.05 -14.66 0.37
N ILE A 98 14.42 -13.69 -0.44
CA ILE A 98 15.63 -12.91 -0.23
C ILE A 98 15.39 -11.45 -0.56
N ILE A 99 16.33 -10.61 -0.13
CA ILE A 99 16.22 -9.18 -0.40
C ILE A 99 17.34 -8.76 -1.33
N VAL A 100 16.99 -8.07 -2.42
CA VAL A 100 17.99 -7.60 -3.37
C VAL A 100 17.78 -6.12 -3.62
N GLU A 101 18.67 -5.30 -3.05
CA GLU A 101 18.49 -3.86 -3.09
C GLU A 101 19.25 -3.21 -4.25
N SER A 102 20.05 -4.00 -4.95
CA SER A 102 20.74 -3.48 -6.12
C SER A 102 19.74 -3.23 -7.24
N GLY A 103 20.12 -2.39 -8.19
CA GLY A 103 19.26 -2.03 -9.30
C GLY A 103 19.00 -3.22 -10.20
N ASP A 104 20.01 -4.07 -10.32
CA ASP A 104 19.95 -5.26 -11.17
C ASP A 104 19.74 -6.54 -10.37
N PRO A 105 18.48 -7.02 -10.30
CA PRO A 105 18.25 -8.37 -9.74
C PRO A 105 18.69 -9.46 -10.72
N ASN A 106 19.27 -10.54 -10.19
CA ASN A 106 19.56 -11.75 -10.96
C ASN A 106 18.31 -12.15 -11.79
N ALA A 107 18.53 -12.57 -13.04
CA ALA A 107 17.40 -12.75 -13.96
C ALA A 107 16.54 -13.98 -13.66
N LEU A 108 17.06 -14.90 -12.84
CA LEU A 108 16.32 -16.09 -12.45
C LEU A 108 15.39 -15.82 -11.26
N LEU A 109 15.51 -14.63 -10.68
CA LEU A 109 14.71 -14.25 -9.53
C LEU A 109 13.27 -13.97 -9.91
N LYS A 110 12.36 -14.35 -9.05
CA LYS A 110 10.94 -14.06 -9.20
C LYS A 110 10.54 -13.03 -8.14
N HIS A 111 9.71 -12.05 -8.50
CA HIS A 111 9.17 -11.16 -7.48
C HIS A 111 8.39 -11.95 -6.46
N ARG A 112 8.60 -11.62 -5.18
CA ARG A 112 7.91 -12.29 -4.10
C ARG A 112 6.42 -11.90 -4.04
N PHE A 113 6.12 -10.65 -4.39
CA PHE A 113 4.75 -10.16 -4.28
C PHE A 113 4.13 -9.89 -5.65
N GLU A 114 2.88 -10.25 -5.78
CA GLU A 114 2.07 -9.73 -6.88
C GLU A 114 1.39 -8.44 -6.40
N ILE A 115 1.43 -7.40 -7.21
CA ILE A 115 0.77 -6.15 -6.83
C ILE A 115 -0.60 -6.08 -7.49
N ILE A 116 -1.65 -5.99 -6.68
CA ILE A 116 -3.00 -5.94 -7.21
C ILE A 116 -3.58 -4.53 -7.21
N GLU A 117 -3.30 -3.78 -6.15
CA GLU A 117 -3.79 -2.41 -6.08
C GLU A 117 -3.15 -1.60 -7.21
N GLY A 118 -3.90 -0.64 -7.72
CA GLY A 118 -3.41 0.25 -8.76
C GLY A 118 -3.71 -0.24 -10.17
N ARG A 119 -4.45 -1.34 -10.30
CA ARG A 119 -4.78 -1.89 -11.63
C ARG A 119 -6.27 -1.63 -11.79
N ASP A 120 -6.74 -1.42 -13.01
CA ASP A 120 -8.19 -1.24 -13.18
C ASP A 120 -8.86 -2.55 -12.76
N ARG A 121 -10.16 -2.49 -12.53
CA ARG A 121 -10.89 -3.60 -11.94
C ARG A 121 -10.82 -4.86 -12.80
N ILE A 122 -10.84 -4.67 -14.11
CA ILE A 122 -10.80 -5.83 -14.99
C ILE A 122 -9.45 -6.56 -14.84
N MET A 123 -8.36 -5.82 -14.97
CA MET A 123 -7.03 -6.42 -14.87
C MET A 123 -6.77 -6.95 -13.46
N ALA A 124 -7.27 -6.25 -12.45
CA ALA A 124 -7.05 -6.68 -11.08
C ALA A 124 -7.67 -8.05 -10.83
N TRP A 125 -8.93 -8.24 -11.26
CA TRP A 125 -9.58 -9.53 -11.04
C TRP A 125 -8.98 -10.60 -11.93
N THR A 126 -8.49 -10.21 -13.10
CA THR A 126 -7.81 -11.16 -13.99
C THR A 126 -6.57 -11.71 -13.26
N VAL A 127 -5.81 -10.83 -12.60
CA VAL A 127 -4.63 -11.24 -11.87
C VAL A 127 -5.01 -12.10 -10.66
N VAL A 128 -6.04 -11.68 -9.93
CA VAL A 128 -6.51 -12.45 -8.79
C VAL A 128 -6.90 -13.87 -9.23
N ASN A 129 -7.76 -13.99 -10.24
CA ASN A 129 -8.22 -15.31 -10.68
C ASN A 129 -7.07 -16.22 -11.09
N SER A 130 -6.10 -15.63 -11.76
CA SER A 130 -4.90 -16.32 -12.17
C SER A 130 -4.20 -16.90 -10.93
N ILE A 131 -3.87 -16.03 -9.98
CA ILE A 131 -3.22 -16.47 -8.75
C ILE A 131 -4.01 -17.59 -8.07
N CYS A 132 -5.33 -17.43 -8.00
CA CYS A 132 -6.16 -18.40 -7.32
C CYS A 132 -6.17 -19.75 -8.02
N ASN A 133 -6.23 -19.74 -9.34
CA ASN A 133 -6.22 -20.98 -10.09
C ASN A 133 -4.84 -21.62 -10.07
N THR A 134 -3.82 -20.79 -9.95
CA THR A 134 -2.45 -21.27 -9.96
C THR A 134 -2.08 -21.87 -8.61
N THR A 135 -2.21 -21.07 -7.56
CA THR A 135 -1.74 -21.45 -6.23
C THR A 135 -2.73 -22.31 -5.46
N GLY A 136 -4.01 -22.23 -5.83
CA GLY A 136 -5.04 -22.96 -5.11
C GLY A 136 -5.69 -22.11 -4.01
N VAL A 137 -5.01 -21.03 -3.63
CA VAL A 137 -5.55 -20.07 -2.66
C VAL A 137 -6.98 -19.64 -3.01
N GLU A 138 -7.84 -19.63 -1.99
CA GLU A 138 -9.23 -19.25 -2.18
C GLU A 138 -9.36 -17.83 -2.76
N LYS A 139 -10.46 -17.57 -3.45
CA LYS A 139 -10.68 -16.27 -4.07
C LYS A 139 -11.32 -15.33 -3.08
N PRO A 140 -10.75 -14.12 -2.96
CA PRO A 140 -11.29 -13.07 -2.07
C PRO A 140 -12.56 -12.42 -2.61
N LYS A 141 -13.37 -11.87 -1.71
CA LYS A 141 -14.61 -11.14 -2.05
C LYS A 141 -14.36 -9.75 -2.63
N PHE A 142 -13.39 -9.05 -2.06
CA PHE A 142 -12.96 -7.72 -2.46
C PHE A 142 -11.54 -7.80 -2.97
N LEU A 143 -11.18 -6.88 -3.86
CA LEU A 143 -9.84 -6.76 -4.34
C LEU A 143 -8.91 -6.46 -3.16
N PRO A 144 -7.95 -7.35 -2.89
CA PRO A 144 -6.91 -7.06 -1.91
C PRO A 144 -5.83 -6.22 -2.58
N ASP A 145 -4.74 -5.94 -1.86
CA ASP A 145 -3.69 -5.08 -2.39
C ASP A 145 -2.48 -5.83 -2.96
N LEU A 146 -2.11 -6.93 -2.31
CA LEU A 146 -0.94 -7.71 -2.71
C LEU A 146 -1.23 -9.19 -2.62
N TYR A 147 -0.43 -9.98 -3.31
CA TYR A 147 -0.34 -11.42 -3.04
C TYR A 147 1.08 -11.79 -2.70
N ASP A 148 1.25 -12.55 -1.62
CA ASP A 148 2.56 -12.97 -1.14
C ASP A 148 2.83 -14.40 -1.59
N TYR A 149 3.77 -14.61 -2.52
CA TYR A 149 4.05 -15.97 -2.97
C TYR A 149 4.82 -16.81 -1.95
N LYS A 150 5.43 -16.17 -0.95
CA LYS A 150 6.13 -16.92 0.09
C LYS A 150 5.13 -17.42 1.12
N GLU A 151 4.30 -16.52 1.64
CA GLU A 151 3.36 -16.88 2.69
C GLU A 151 2.08 -17.47 2.10
N ASN A 152 1.98 -17.45 0.78
CA ASN A 152 0.82 -17.97 0.05
C ASN A 152 -0.49 -17.34 0.51
N ARG A 153 -0.56 -16.01 0.53
CA ARG A 153 -1.79 -15.33 0.96
C ARG A 153 -1.90 -13.93 0.38
N PHE A 154 -3.14 -13.46 0.23
CA PHE A 154 -3.39 -12.07 -0.15
C PHE A 154 -3.18 -11.17 1.07
N ILE A 155 -2.81 -9.92 0.79
CA ILE A 155 -2.60 -8.91 1.83
C ILE A 155 -3.42 -7.67 1.54
N GLU A 156 -4.04 -7.16 2.60
CA GLU A 156 -4.71 -5.87 2.59
C GLU A 156 -3.82 -4.91 3.34
N ILE A 157 -3.37 -3.87 2.65
CA ILE A 157 -2.55 -2.80 3.22
C ILE A 157 -3.42 -1.65 3.71
N GLY A 158 -3.18 -1.21 4.93
CA GLY A 158 -3.88 -0.04 5.43
C GLY A 158 -2.90 1.03 5.86
N VAL A 159 -3.23 2.29 5.59
CA VAL A 159 -2.43 3.41 6.07
C VAL A 159 -3.34 4.41 6.74
N THR A 160 -3.08 4.69 8.01
CA THR A 160 -4.00 5.53 8.79
C THR A 160 -3.34 6.70 9.52
N ARG A 161 -4.10 7.79 9.65
CA ARG A 161 -3.74 8.95 10.47
C ARG A 161 -4.35 8.84 11.87
N ARG A 162 -5.11 7.78 12.08
CA ARG A 162 -5.74 7.50 13.36
C ARG A 162 -5.00 6.40 14.10
N GLU A 163 -5.62 5.83 15.14
CA GLU A 163 -4.97 4.78 15.90
C GLU A 163 -5.09 3.47 15.13
N VAL A 164 -4.01 2.70 15.08
CA VAL A 164 -3.94 1.53 14.19
C VAL A 164 -4.96 0.45 14.55
N HIS A 165 -5.26 0.30 15.84
CA HIS A 165 -6.17 -0.74 16.25
C HIS A 165 -7.57 -0.45 15.73
N ILE A 166 -7.98 0.81 15.81
CA ILE A 166 -9.27 1.24 15.29
C ILE A 166 -9.36 0.98 13.79
N TYR A 167 -8.33 1.38 13.06
CA TYR A 167 -8.35 1.23 11.62
C TYR A 167 -8.31 -0.26 11.26
N TYR A 168 -7.51 -1.02 11.99
CA TYR A 168 -7.44 -2.46 11.79
C TYR A 168 -8.82 -3.11 11.89
N LEU A 169 -9.55 -2.80 12.95
CA LEU A 169 -10.84 -3.42 13.16
C LEU A 169 -11.82 -3.04 12.06
N GLU A 170 -11.75 -1.80 11.57
CA GLU A 170 -12.65 -1.39 10.50
C GLU A 170 -12.40 -2.22 9.23
N LYS A 171 -11.14 -2.46 8.90
CA LYS A 171 -10.86 -3.21 7.68
C LYS A 171 -11.21 -4.68 7.84
N ALA A 172 -10.93 -5.22 9.02
CA ALA A 172 -11.29 -6.62 9.27
C ALA A 172 -12.79 -6.81 9.14
N ASN A 173 -13.57 -5.85 9.64
CA ASN A 173 -15.03 -5.93 9.56
C ASN A 173 -15.54 -5.78 8.14
N LYS A 174 -14.79 -5.05 7.32
CA LYS A 174 -15.21 -4.81 5.95
C LYS A 174 -15.04 -6.07 5.12
N ILE A 175 -13.82 -6.61 5.10
CA ILE A 175 -13.51 -7.74 4.24
C ILE A 175 -13.93 -9.10 4.81
N LYS A 176 -13.58 -9.40 6.06
CA LYS A 176 -13.93 -10.64 6.75
C LYS A 176 -13.60 -11.89 5.91
N SER A 177 -12.61 -11.77 5.03
CA SER A 177 -12.19 -12.90 4.22
C SER A 177 -11.55 -13.97 5.09
N GLU A 178 -10.79 -13.53 6.09
CA GLU A 178 -10.20 -14.40 7.11
C GLU A 178 -9.11 -15.32 6.55
N LYS A 179 -8.85 -15.20 5.26
CA LYS A 179 -7.63 -15.76 4.69
C LYS A 179 -6.74 -14.62 4.27
N THR A 180 -7.36 -13.45 4.04
CA THR A 180 -6.63 -12.26 3.64
C THR A 180 -5.93 -11.63 4.85
N HIS A 181 -4.62 -11.49 4.73
CA HIS A 181 -3.82 -10.93 5.80
C HIS A 181 -3.88 -9.40 5.80
N ILE A 182 -4.06 -8.80 6.98
CA ILE A 182 -4.15 -7.35 7.08
C ILE A 182 -2.90 -6.75 7.73
N HIS A 183 -2.35 -5.70 7.13
CA HIS A 183 -1.19 -5.02 7.68
C HIS A 183 -1.41 -3.51 7.62
N ILE A 184 -1.53 -2.92 8.81
CA ILE A 184 -1.82 -1.50 8.98
C ILE A 184 -0.57 -0.74 9.40
N PHE A 185 -0.33 0.39 8.73
CA PHE A 185 0.71 1.34 9.12
C PHE A 185 0.07 2.66 9.57
N SER A 186 0.63 3.31 10.58
CA SER A 186 0.24 4.69 10.86
C SER A 186 1.37 5.62 10.47
N PHE A 187 1.06 6.91 10.42
CA PHE A 187 2.04 7.94 10.11
C PHE A 187 3.00 8.20 11.27
N THR A 188 2.71 7.64 12.44
CA THR A 188 3.60 7.82 13.58
C THR A 188 4.39 6.56 13.94
N GLY A 189 4.40 5.57 13.05
CA GLY A 189 5.29 4.44 13.23
C GLY A 189 4.68 3.20 13.85
N GLU A 190 3.46 3.30 14.33
CA GLU A 190 2.73 2.12 14.83
C GLU A 190 2.34 1.19 13.68
N GLU A 191 2.26 -0.10 13.98
CA GLU A 191 1.77 -1.07 13.00
C GLU A 191 0.84 -2.04 13.70
N MET A 192 -0.08 -2.60 12.95
CA MET A 192 -0.85 -3.72 13.45
C MET A 192 -1.09 -4.69 12.30
N ALA A 193 -0.84 -5.97 12.56
CA ALA A 193 -1.00 -6.99 11.52
C ALA A 193 -1.68 -8.22 12.10
N THR A 194 -2.43 -8.91 11.25
CA THR A 194 -3.14 -10.12 11.60
C THR A 194 -2.24 -11.12 12.35
N LYS A 195 -2.72 -11.59 13.49
CA LYS A 195 -2.04 -12.60 14.30
C LYS A 195 -0.62 -12.22 14.72
N ALA A 196 -0.34 -10.93 14.76
CA ALA A 196 0.98 -10.42 15.12
C ALA A 196 2.04 -10.98 14.18
N ASP A 197 1.64 -11.19 12.92
CA ASP A 197 2.53 -11.68 11.89
C ASP A 197 2.76 -10.55 10.90
N TYR A 198 3.97 -10.00 10.93
CA TYR A 198 4.28 -8.75 10.25
C TYR A 198 4.93 -8.94 8.88
N THR A 199 5.05 -10.20 8.48
CA THR A 199 5.48 -10.60 7.13
C THR A 199 6.91 -10.24 6.75
N LEU A 200 7.25 -8.95 6.83
CA LEU A 200 8.54 -8.43 6.39
C LEU A 200 9.49 -8.21 7.57
N ASP A 201 10.79 -8.14 7.25
CA ASP A 201 11.84 -7.77 8.19
C ASP A 201 11.66 -6.34 8.73
N GLU A 202 12.32 -6.03 9.85
CA GLU A 202 12.23 -4.71 10.45
C GLU A 202 12.72 -3.63 9.50
N GLU A 203 13.78 -3.90 8.77
CA GLU A 203 14.36 -2.90 7.87
C GLU A 203 13.38 -2.48 6.76
N SER A 204 12.69 -3.43 6.16
CA SER A 204 11.73 -3.12 5.11
C SER A 204 10.61 -2.24 5.65
N ARG A 205 10.10 -2.61 6.81
CA ARG A 205 9.03 -1.85 7.39
C ARG A 205 9.52 -0.49 7.90
N ALA A 206 10.77 -0.41 8.31
CA ALA A 206 11.33 0.90 8.70
C ALA A 206 11.41 1.85 7.51
N ARG A 207 11.71 1.34 6.32
CA ARG A 207 11.74 2.18 5.10
C ARG A 207 10.38 2.82 4.90
N ILE A 208 9.34 2.01 5.09
CA ILE A 208 7.97 2.47 4.90
C ILE A 208 7.63 3.50 5.94
N LYS A 209 7.95 3.22 7.20
CA LYS A 209 7.63 4.13 8.28
C LYS A 209 8.39 5.45 8.10
N THR A 210 9.63 5.37 7.63
CA THR A 210 10.43 6.58 7.40
C THR A 210 9.79 7.43 6.30
N ARG A 211 9.30 6.79 5.26
CA ARG A 211 8.63 7.50 4.18
C ARG A 211 7.39 8.22 4.70
N LEU A 212 6.59 7.53 5.51
CA LEU A 212 5.39 8.13 6.09
C LEU A 212 5.74 9.29 7.00
N PHE A 213 6.82 9.14 7.75
CA PHE A 213 7.28 10.24 8.57
C PHE A 213 7.62 11.49 7.73
N THR A 214 8.34 11.28 6.63
CA THR A 214 8.74 12.36 5.74
C THR A 214 7.51 13.05 5.12
N ILE A 215 6.54 12.24 4.70
CA ILE A 215 5.31 12.78 4.12
C ILE A 215 4.61 13.69 5.14
N ARG A 216 4.46 13.20 6.37
CA ARG A 216 3.84 13.95 7.46
C ARG A 216 4.59 15.25 7.76
N GLN A 217 5.92 15.17 7.81
CA GLN A 217 6.73 16.36 8.10
C GLN A 217 6.58 17.41 7.00
N GLU A 218 6.59 16.95 5.75
CA GLU A 218 6.52 17.86 4.61
C GLU A 218 5.14 18.52 4.53
N MET A 219 4.10 17.74 4.79
CA MET A 219 2.74 18.29 4.86
C MET A 219 2.68 19.36 5.95
N ALA A 220 3.30 19.07 7.09
CA ALA A 220 3.28 19.99 8.23
C ALA A 220 4.00 21.29 7.89
N SER A 221 5.11 21.18 7.17
CA SER A 221 5.86 22.38 6.77
C SER A 221 5.01 23.23 5.81
N ARG A 222 4.08 22.61 5.11
CA ARG A 222 3.19 23.36 4.20
C ARG A 222 1.84 23.68 4.85
N SER A 223 1.75 23.38 6.15
CA SER A 223 0.54 23.58 6.95
C SER A 223 -0.67 22.81 6.42
N LEU A 224 -0.41 21.62 5.88
CA LEU A 224 -1.45 20.76 5.33
C LEU A 224 -1.84 19.62 6.25
N TRP A 225 -1.02 19.37 7.27
CA TRP A 225 -1.15 18.13 8.05
C TRP A 225 -2.41 18.06 8.92
N ASP A 226 -2.71 19.13 9.66
CA ASP A 226 -3.84 19.10 10.60
C ASP A 226 -5.13 18.74 9.86
N SER A 227 -5.33 19.38 8.72
CA SER A 227 -6.49 19.14 7.88
C SER A 227 -6.47 17.72 7.31
N PHE A 228 -5.31 17.27 6.85
CA PHE A 228 -5.16 15.90 6.34
C PHE A 228 -5.44 14.84 7.42
N ARG A 229 -4.90 15.02 8.62
CA ARG A 229 -5.12 14.04 9.70
C ARG A 229 -6.60 13.93 10.06
N GLN A 230 -7.24 15.07 10.23
CA GLN A 230 -8.62 15.10 10.69
C GLN A 230 -9.63 14.67 9.61
N SER A 231 -9.22 14.72 8.35
CA SER A 231 -10.13 14.42 7.24
C SER A 231 -10.40 12.92 7.06
N GLU A 232 -9.59 12.07 7.67
CA GLU A 232 -9.76 10.62 7.51
C GLU A 232 -11.14 10.20 8.01
MN MN B . -5.54 -1.25 1.13
MN MN C . -6.83 -1.87 -2.39
MN MN D . -7.90 0.28 -6.41
S SO4 E . -10.67 18.07 1.30
O1 SO4 E . -9.81 18.95 0.52
O2 SO4 E . -12.02 18.08 0.72
O3 SO4 E . -10.12 16.72 1.23
O4 SO4 E . -10.73 18.48 2.69
C1 EDO F . -9.70 8.91 3.59
O1 EDO F . -8.40 8.53 4.04
C2 EDO F . -9.82 10.43 3.65
O2 EDO F . -8.63 11.01 3.10
O X48 G . -6.83 0.49 1.79
C X48 G . -7.18 1.14 0.82
N X48 G . -7.57 2.43 0.99
C4 X48 G . -7.96 3.18 -0.08
C3 X48 G . -7.98 2.64 -1.36
C2 X48 G . -7.60 1.33 -1.54
C1 X48 G . -7.22 0.58 -0.46
O1 X48 G . -6.82 -0.75 -0.62
C5 X48 G . -8.34 4.62 0.20
C10 X48 G . -7.59 5.32 1.13
C9 X48 G . -7.90 6.64 1.42
C8 X48 G . -8.96 7.25 0.75
C7 X48 G . -9.72 6.55 -0.18
C6 X48 G . -9.40 5.22 -0.47
O X48 H . -6.92 0.86 -8.28
C X48 H . -7.72 1.04 -9.21
N X48 H . -7.29 1.52 -10.42
C4 X48 H . -8.17 1.76 -11.46
C3 X48 H . -9.51 1.47 -11.29
C2 X48 H . -9.95 0.98 -10.08
C1 X48 H . -9.08 0.77 -9.05
O1 X48 H . -9.54 0.28 -7.80
C5 X48 H . -7.66 2.25 -12.81
C10 X48 H . -6.30 2.18 -13.11
C9 X48 H . -5.82 2.59 -14.35
C8 X48 H . -6.72 3.05 -15.32
C7 X48 H . -8.08 3.09 -15.04
C6 X48 H . -8.54 2.69 -13.79
O X48 I . -8.10 2.55 -5.68
C X48 I . -9.14 2.55 -5.05
N X48 I . -9.76 3.73 -4.71
C4 X48 I . -10.93 3.69 -4.00
C3 X48 I . -11.49 2.47 -3.63
C2 X48 I . -10.87 1.29 -3.96
C1 X48 I . -9.70 1.33 -4.66
O1 X48 I . -9.06 0.11 -4.99
C5 X48 I . -11.67 4.96 -3.63
C10 X48 I . -12.52 4.95 -2.52
C9 X48 I . -13.21 6.11 -2.16
C8 X48 I . -13.05 7.27 -2.91
C7 X48 I . -12.21 7.27 -4.01
C6 X48 I . -11.52 6.12 -4.38
#